data_6UMW
#
_entry.id   6UMW
#
_cell.length_a   32.932
_cell.length_b   91.090
_cell.length_c   96.995
_cell.angle_alpha   90.000
_cell.angle_beta   90.000
_cell.angle_gamma   90.000
#
_symmetry.space_group_name_H-M   'P 21 21 21'
#
loop_
_entity.id
_entity.type
_entity.pdbx_description
1 polymer 'Ephrin type-B receptor 1'
2 non-polymer 7-CHLOROTETRACYCLINE
3 water water
#
_entity_poly.entity_id   1
_entity_poly.type   'polypeptide(L)'
_entity_poly.pdbx_seq_one_letter_code
;HHHHHHDPNEAVREFAKEIDVSFVKIEEVIGAGEFGEVYKGRLKLPGKREI(PTR)VAIKTLKAGYSEKQRRDFLSEASI
MGQFDHPNIIRLEGVVTKSRPVMIITEFMENGALDSFLRQNDGQFTVIQLVGMLRGIAAGMKYLAEMNYVHRDLAARNIL
VNSNLVCKVSDFGLSRYLQDDTSDPTYTSSLGGKIPVRWTAPEAIAYRKFTSASDVWSYGIVMWEVMSFGERPYWDMSNQ
DVINAIEQDYRLPPPMDCPAALHQLMLDCWQKDRNSRPRFAEIVNTLDKMIRNPASLKTVATITA
;
_entity_poly.pdbx_strand_id   A
#
# COMPACT_ATOMS: atom_id res chain seq x y z
N ALA A 16 8.77 17.05 -8.77
CA ALA A 16 9.89 17.38 -7.89
C ALA A 16 9.93 18.87 -7.53
N LYS A 17 9.05 19.31 -6.63
CA LYS A 17 9.05 20.70 -6.18
C LYS A 17 10.09 20.90 -5.08
N GLU A 18 10.91 21.95 -5.20
CA GLU A 18 11.94 22.21 -4.19
C GLU A 18 11.34 22.99 -3.01
N ILE A 19 11.53 22.47 -1.81
CA ILE A 19 11.02 23.08 -0.60
C ILE A 19 12.21 23.64 0.20
N ASP A 20 12.16 24.92 0.52
CA ASP A 20 13.12 25.51 1.44
C ASP A 20 12.99 24.91 2.83
N VAL A 21 14.10 24.39 3.37
CA VAL A 21 14.07 23.74 4.67
C VAL A 21 13.53 24.66 5.78
N SER A 22 13.60 25.98 5.59
CA SER A 22 13.11 26.88 6.62
C SER A 22 11.59 26.86 6.73
N PHE A 23 10.89 26.30 5.75
CA PHE A 23 9.44 26.16 5.81
C PHE A 23 9.01 24.88 6.51
N VAL A 24 9.95 24.07 6.99
CA VAL A 24 9.66 22.76 7.54
C VAL A 24 10.06 22.75 9.01
N LYS A 25 9.17 22.31 9.87
CA LYS A 25 9.52 22.04 11.26
C LYS A 25 9.36 20.56 11.53
N ILE A 26 10.44 19.95 12.01
CA ILE A 26 10.52 18.51 12.20
C ILE A 26 10.17 18.21 13.64
N GLU A 27 9.15 17.40 13.85
CA GLU A 27 8.69 17.02 15.19
C GLU A 27 9.06 15.55 15.44
N GLU A 28 8.15 14.73 15.94
CA GLU A 28 8.48 13.43 16.48
C GLU A 28 8.89 12.45 15.38
N VAL A 29 9.77 11.51 15.74
CA VAL A 29 10.04 10.37 14.87
C VAL A 29 8.80 9.48 14.81
N ILE A 30 8.52 8.91 13.65
CA ILE A 30 7.36 8.05 13.48
C ILE A 30 7.77 6.80 12.73
N GLY A 31 9.07 6.54 12.68
CA GLY A 31 9.52 5.35 11.98
C GLY A 31 10.97 5.40 11.59
N ALA A 32 11.60 4.24 11.52
CA ALA A 32 12.95 4.09 11.00
C ALA A 32 12.84 3.19 9.77
N GLY A 33 12.62 3.81 8.61
CA GLY A 33 12.56 3.09 7.35
C GLY A 33 13.89 2.48 6.98
N GLU A 34 13.96 1.89 5.79
CA GLU A 34 15.21 1.25 5.38
C GLU A 34 16.26 2.28 4.98
N PHE A 35 15.86 3.28 4.19
CA PHE A 35 16.79 4.35 3.82
C PHE A 35 17.16 5.21 5.02
N GLY A 36 16.26 5.35 5.99
CA GLY A 36 16.51 6.25 7.09
C GLY A 36 15.34 6.40 8.04
N GLU A 37 15.21 7.59 8.61
CA GLU A 37 14.17 7.91 9.58
C GLU A 37 13.05 8.69 8.91
N VAL A 38 11.84 8.54 9.45
CA VAL A 38 10.69 9.33 9.05
C VAL A 38 10.21 10.11 10.26
N TYR A 39 9.91 11.39 10.05
CA TYR A 39 9.41 12.27 11.10
C TYR A 39 8.03 12.79 10.73
N LYS A 40 7.20 13.04 11.74
CA LYS A 40 6.07 13.92 11.57
C LYS A 40 6.56 15.36 11.67
N GLY A 41 6.09 16.21 10.75
CA GLY A 41 6.47 17.61 10.79
C GLY A 41 5.33 18.48 10.31
N ARG A 42 5.63 19.79 10.21
CA ARG A 42 4.69 20.78 9.70
C ARG A 42 5.33 21.50 8.53
N LEU A 43 4.56 21.72 7.47
CA LEU A 43 5.01 22.47 6.31
C LEU A 43 4.16 23.73 6.18
N LYS A 44 4.81 24.89 6.17
CA LYS A 44 4.11 26.17 6.09
C LYS A 44 4.79 27.00 5.00
N LEU A 45 4.27 26.90 3.81
CA LEU A 45 4.77 27.69 2.70
C LEU A 45 4.21 29.11 2.80
N PRO A 46 4.95 30.09 2.30
CA PRO A 46 4.50 31.50 2.40
C PRO A 46 3.14 31.71 1.77
N GLY A 47 2.23 32.30 2.53
CA GLY A 47 0.90 32.60 2.04
C GLY A 47 -0.07 31.43 2.01
N LYS A 48 0.36 30.23 2.39
CA LYS A 48 -0.48 29.04 2.35
C LYS A 48 -0.73 28.48 3.75
N ARG A 49 -1.85 27.76 3.89
CA ARG A 49 -2.25 27.14 5.18
C ARG A 49 -1.27 26.01 5.52
N GLU A 50 -0.85 25.96 6.78
CA GLU A 50 0.09 24.95 7.27
C GLU A 50 -0.53 23.56 7.18
N ILE A 51 0.28 22.58 6.77
CA ILE A 51 -0.21 21.20 6.76
C ILE A 51 0.77 20.30 7.52
N VAL A 53 3.04 16.93 7.55
CA VAL A 53 3.74 16.17 6.51
C VAL A 53 4.55 15.07 7.18
N ALA A 54 4.90 14.07 6.38
CA ALA A 54 5.92 13.12 6.78
C ALA A 54 7.23 13.52 6.13
N ILE A 55 8.31 13.55 6.92
CA ILE A 55 9.62 13.95 6.43
C ILE A 55 10.52 12.72 6.46
N LYS A 56 10.93 12.23 5.29
CA LYS A 56 11.84 11.10 5.20
C LYS A 56 13.26 11.60 5.03
N THR A 57 14.14 11.08 5.87
CA THR A 57 15.55 11.41 5.80
C THR A 57 16.33 10.18 5.40
N LEU A 58 17.50 10.43 4.84
CA LEU A 58 18.47 9.40 4.53
C LEU A 58 19.34 9.16 5.76
N LYS A 59 19.72 7.90 5.98
CA LYS A 59 20.53 7.58 7.14
C LYS A 59 21.81 8.41 7.14
N ALA A 60 22.23 8.82 8.34
CA ALA A 60 23.39 9.68 8.48
C ALA A 60 24.62 9.03 7.85
N GLY A 61 25.39 9.85 7.13
CA GLY A 61 26.59 9.39 6.46
C GLY A 61 26.36 8.86 5.07
N TYR A 62 25.23 9.22 4.43
CA TYR A 62 24.92 8.66 3.12
C TYR A 62 25.93 9.13 2.07
N SER A 63 26.18 8.25 1.12
CA SER A 63 27.07 8.51 -0.01
C SER A 63 26.34 9.28 -1.10
N GLU A 64 27.11 9.85 -2.03
CA GLU A 64 26.43 10.52 -3.14
C GLU A 64 25.58 9.55 -3.94
N LYS A 65 26.01 8.30 -4.10
CA LYS A 65 25.22 7.29 -4.78
C LYS A 65 23.91 7.03 -4.05
N GLN A 66 23.95 6.93 -2.73
CA GLN A 66 22.72 6.73 -1.98
C GLN A 66 21.80 7.94 -2.09
N ARG A 67 22.39 9.13 -2.11
CA ARG A 67 21.61 10.36 -2.29
C ARG A 67 20.86 10.34 -3.61
N ARG A 68 21.56 10.04 -4.70
CA ARG A 68 20.95 9.97 -6.03
C ARG A 68 19.85 8.93 -6.07
N ASP A 69 20.12 7.73 -5.53
CA ASP A 69 19.11 6.70 -5.44
C ASP A 69 17.87 7.24 -4.71
N PHE A 70 18.10 7.93 -3.59
CA PHE A 70 17.02 8.50 -2.79
C PHE A 70 16.22 9.51 -3.61
N LEU A 71 16.89 10.47 -4.24
CA LEU A 71 16.14 11.47 -5.00
C LEU A 71 15.50 10.89 -6.25
N SER A 72 16.00 9.76 -6.76
CA SER A 72 15.31 9.12 -7.88
C SER A 72 13.99 8.52 -7.46
N GLU A 73 13.92 8.01 -6.22
CA GLU A 73 12.63 7.61 -5.67
C GLU A 73 11.65 8.76 -5.69
N ALA A 74 12.10 9.94 -5.23
CA ALA A 74 11.26 11.14 -5.22
C ALA A 74 10.78 11.47 -6.63
N SER A 75 11.68 11.40 -7.62
CA SER A 75 11.30 11.70 -9.01
C SER A 75 10.15 10.82 -9.46
N ILE A 76 10.12 9.57 -9.03
CA ILE A 76 9.08 8.64 -9.43
C ILE A 76 7.76 9.00 -8.76
N MET A 77 7.79 9.23 -7.45
CA MET A 77 6.59 9.62 -6.70
C MET A 77 5.97 10.88 -7.27
N GLY A 78 6.79 11.82 -7.74
CA GLY A 78 6.27 13.07 -8.24
C GLY A 78 5.45 12.95 -9.50
N GLN A 79 5.58 11.83 -10.21
CA GLN A 79 4.80 11.57 -11.42
C GLN A 79 3.35 11.24 -11.10
N PHE A 80 3.06 10.81 -9.88
CA PHE A 80 1.75 10.28 -9.52
C PHE A 80 0.89 11.37 -8.89
N ASP A 81 -0.35 11.48 -9.37
CA ASP A 81 -1.31 12.43 -8.81
C ASP A 81 -2.64 11.70 -8.73
N HIS A 82 -2.89 11.03 -7.59
CA HIS A 82 -4.11 10.21 -7.44
C HIS A 82 -4.51 10.21 -5.98
N PRO A 83 -5.80 10.25 -5.66
CA PRO A 83 -6.22 10.30 -4.25
C PRO A 83 -5.80 9.08 -3.43
N ASN A 84 -5.50 7.96 -4.06
CA ASN A 84 -5.10 6.76 -3.32
C ASN A 84 -3.64 6.40 -3.53
N ILE A 85 -2.82 7.39 -3.89
CA ILE A 85 -1.38 7.25 -3.99
C ILE A 85 -0.76 8.34 -3.12
N ILE A 86 0.21 7.97 -2.29
CA ILE A 86 0.80 8.96 -1.40
C ILE A 86 1.33 10.14 -2.20
N ARG A 87 0.91 11.34 -1.80
CA ARG A 87 1.25 12.60 -2.47
C ARG A 87 2.63 13.07 -2.06
N LEU A 88 3.50 13.32 -3.04
CA LEU A 88 4.77 13.98 -2.76
C LEU A 88 4.56 15.49 -2.64
N GLU A 89 4.89 16.07 -1.49
CA GLU A 89 4.79 17.52 -1.38
C GLU A 89 5.99 18.21 -2.02
N GLY A 90 7.19 17.65 -1.83
CA GLY A 90 8.35 18.20 -2.48
C GLY A 90 9.61 17.55 -1.92
N VAL A 91 10.75 18.15 -2.26
CA VAL A 91 12.03 17.64 -1.79
C VAL A 91 12.87 18.80 -1.28
N VAL A 92 13.77 18.48 -0.35
CA VAL A 92 14.81 19.38 0.13
C VAL A 92 16.11 18.85 -0.46
N THR A 93 16.68 19.58 -1.42
CA THR A 93 17.93 19.18 -2.04
C THR A 93 18.99 20.27 -2.04
N LYS A 94 18.63 21.52 -1.80
CA LYS A 94 19.60 22.62 -1.81
C LYS A 94 20.46 22.62 -0.56
N SER A 95 19.94 22.10 0.54
CA SER A 95 20.65 22.07 1.83
C SER A 95 20.88 20.61 2.22
N ARG A 96 21.65 20.43 3.29
CA ARG A 96 21.98 19.12 3.80
C ARG A 96 21.40 18.96 5.21
N PRO A 97 20.78 17.80 5.51
CA PRO A 97 20.62 16.60 4.69
C PRO A 97 19.47 16.72 3.69
N VAL A 98 19.49 15.88 2.65
CA VAL A 98 18.34 15.78 1.75
C VAL A 98 17.15 15.20 2.48
N MET A 99 15.96 15.54 1.98
CA MET A 99 14.71 15.09 2.59
C MET A 99 13.66 14.92 1.50
N ILE A 100 12.75 13.98 1.74
CA ILE A 100 11.54 13.82 0.94
C ILE A 100 10.34 14.15 1.82
N ILE A 101 9.49 15.05 1.33
CA ILE A 101 8.34 15.56 2.09
C ILE A 101 7.09 15.04 1.43
N THR A 102 6.32 14.23 2.15
CA THR A 102 5.06 13.68 1.64
C THR A 102 3.91 14.10 2.55
N GLU A 103 2.68 13.82 2.09
CA GLU A 103 1.53 14.10 2.94
C GLU A 103 1.57 13.20 4.19
N PHE A 104 1.01 13.70 5.28
CA PHE A 104 1.01 12.99 6.54
C PHE A 104 -0.22 12.09 6.62
N MET A 105 -0.03 10.86 7.06
CA MET A 105 -1.13 9.90 7.18
C MET A 105 -1.29 9.57 8.66
N GLU A 106 -2.31 10.15 9.30
CA GLU A 106 -2.40 10.11 10.76
C GLU A 106 -2.49 8.70 11.31
N ASN A 107 -3.20 7.82 10.62
CA ASN A 107 -3.43 6.49 11.16
C ASN A 107 -2.35 5.49 10.76
N GLY A 108 -1.33 5.93 10.05
CA GLY A 108 -0.22 5.04 9.84
C GLY A 108 -0.48 3.88 8.89
N ALA A 109 0.35 2.85 9.04
CA ALA A 109 0.28 1.68 8.19
C ALA A 109 -1.01 0.90 8.42
N LEU A 110 -1.59 0.38 7.34
CA LEU A 110 -2.92 -0.22 7.42
C LEU A 110 -2.93 -1.46 8.31
N ASP A 111 -1.86 -2.27 8.29
CA ASP A 111 -1.89 -3.52 9.05
C ASP A 111 -1.88 -3.25 10.55
N SER A 112 -0.96 -2.41 11.01
CA SER A 112 -0.95 -2.06 12.43
C SER A 112 -2.24 -1.32 12.81
N PHE A 113 -2.76 -0.48 11.92
CA PHE A 113 -4.00 0.24 12.20
C PHE A 113 -5.17 -0.72 12.40
N LEU A 114 -5.25 -1.78 11.60
CA LEU A 114 -6.35 -2.74 11.79
C LEU A 114 -6.11 -3.60 13.03
N ARG A 115 -4.86 -4.00 13.27
CA ARG A 115 -4.56 -4.82 14.44
C ARG A 115 -4.82 -4.07 15.73
N GLN A 116 -4.63 -2.75 15.72
CA GLN A 116 -4.92 -1.94 16.89
C GLN A 116 -6.40 -1.55 17.01
N ASN A 117 -7.23 -1.87 16.01
CA ASN A 117 -8.65 -1.56 16.02
C ASN A 117 -9.48 -2.78 15.61
N ASP A 118 -9.13 -3.95 16.14
CA ASP A 118 -9.76 -5.19 15.73
C ASP A 118 -11.26 -5.17 15.98
N GLY A 119 -12.04 -5.41 14.93
CA GLY A 119 -13.48 -5.42 15.02
C GLY A 119 -14.17 -4.07 15.04
N GLN A 120 -13.42 -2.97 14.94
CA GLN A 120 -13.99 -1.64 15.18
C GLN A 120 -14.44 -0.93 13.92
N PHE A 121 -14.37 -1.57 12.75
CA PHE A 121 -14.85 -1.01 11.50
C PHE A 121 -15.88 -1.94 10.90
N THR A 122 -16.89 -1.36 10.24
CA THR A 122 -17.89 -2.21 9.63
C THR A 122 -17.37 -2.79 8.32
N VAL A 123 -18.08 -3.83 7.85
CA VAL A 123 -17.78 -4.43 6.55
C VAL A 123 -17.76 -3.37 5.45
N ILE A 124 -18.75 -2.49 5.42
CA ILE A 124 -18.77 -1.54 4.30
C ILE A 124 -17.64 -0.50 4.41
N GLN A 125 -17.22 -0.16 5.63
CA GLN A 125 -16.03 0.69 5.77
C GLN A 125 -14.80 -0.04 5.23
N LEU A 126 -14.68 -1.33 5.53
CA LEU A 126 -13.54 -2.11 5.07
C LEU A 126 -13.54 -2.22 3.55
N VAL A 127 -14.71 -2.42 2.94
CA VAL A 127 -14.81 -2.47 1.49
C VAL A 127 -14.45 -1.12 0.88
N GLY A 128 -14.84 -0.01 1.53
CA GLY A 128 -14.40 1.30 1.06
C GLY A 128 -12.89 1.45 1.05
N MET A 129 -12.23 0.94 2.10
CA MET A 129 -10.77 0.98 2.13
C MET A 129 -10.20 0.17 0.98
N LEU A 130 -10.74 -1.03 0.76
CA LEU A 130 -10.24 -1.90 -0.30
C LEU A 130 -10.47 -1.26 -1.67
N ARG A 131 -11.59 -0.56 -1.83
CA ARG A 131 -11.88 0.12 -3.08
C ARG A 131 -10.86 1.20 -3.35
N GLY A 132 -10.50 1.98 -2.33
CA GLY A 132 -9.50 3.00 -2.52
C GLY A 132 -8.15 2.42 -2.94
N ILE A 133 -7.75 1.32 -2.30
CA ILE A 133 -6.48 0.67 -2.65
C ILE A 133 -6.52 0.19 -4.10
N ALA A 134 -7.64 -0.45 -4.49
CA ALA A 134 -7.75 -0.95 -5.86
C ALA A 134 -7.68 0.20 -6.85
N ALA A 135 -8.25 1.37 -6.51
CA ALA A 135 -8.21 2.51 -7.42
C ALA A 135 -6.81 3.08 -7.58
N GLY A 136 -6.05 3.15 -6.48
CA GLY A 136 -4.65 3.56 -6.61
C GLY A 136 -3.84 2.56 -7.40
N MET A 137 -4.11 1.26 -7.20
CA MET A 137 -3.38 0.24 -7.96
C MET A 137 -3.76 0.27 -9.43
N LYS A 138 -5.05 0.51 -9.73
CA LYS A 138 -5.46 0.68 -11.12
C LYS A 138 -4.65 1.82 -11.79
N TYR A 139 -4.53 2.95 -11.10
CA TYR A 139 -3.77 4.08 -11.61
C TYR A 139 -2.31 3.71 -11.86
N LEU A 140 -1.68 3.02 -10.90
CA LEU A 140 -0.28 2.63 -11.07
C LEU A 140 -0.11 1.68 -12.26
N ALA A 141 -0.99 0.69 -12.37
CA ALA A 141 -0.88 -0.26 -13.48
C ALA A 141 -1.11 0.44 -14.82
N GLU A 142 -2.04 1.39 -14.87
CA GLU A 142 -2.27 2.15 -16.09
C GLU A 142 -1.03 2.91 -16.52
N MET A 143 -0.20 3.31 -15.57
CA MET A 143 1.04 3.99 -15.89
C MET A 143 2.20 3.03 -16.00
N ASN A 144 1.90 1.73 -16.12
CA ASN A 144 2.92 0.72 -16.40
C ASN A 144 3.95 0.62 -15.29
N TYR A 145 3.51 0.78 -14.04
CA TYR A 145 4.37 0.51 -12.90
C TYR A 145 3.89 -0.75 -12.19
N VAL A 146 4.81 -1.64 -11.91
CA VAL A 146 4.53 -2.84 -11.13
C VAL A 146 5.07 -2.60 -9.74
N HIS A 147 4.21 -2.75 -8.73
CA HIS A 147 4.61 -2.45 -7.37
C HIS A 147 5.57 -3.50 -6.81
N ARG A 148 5.22 -4.79 -6.95
CA ARG A 148 5.98 -5.95 -6.51
C ARG A 148 5.95 -6.18 -5.00
N ASP A 149 5.53 -5.18 -4.21
CA ASP A 149 5.62 -5.27 -2.76
C ASP A 149 4.31 -4.88 -2.09
N LEU A 150 3.18 -5.16 -2.74
CA LEU A 150 1.89 -4.70 -2.25
C LEU A 150 1.45 -5.58 -1.07
N ALA A 151 1.27 -4.95 0.09
CA ALA A 151 0.94 -5.60 1.34
C ALA A 151 0.35 -4.53 2.24
N ALA A 152 -0.50 -4.95 3.18
CA ALA A 152 -1.14 -3.96 4.06
C ALA A 152 -0.10 -3.10 4.78
N ARG A 153 1.09 -3.65 5.07
CA ARG A 153 2.12 -2.85 5.74
C ARG A 153 2.64 -1.70 4.86
N ASN A 154 2.41 -1.77 3.54
CA ASN A 154 2.86 -0.74 2.59
C ASN A 154 1.73 0.17 2.13
N ILE A 155 0.60 0.13 2.81
CA ILE A 155 -0.52 1.02 2.58
CA ILE A 155 -0.52 1.02 2.58
C ILE A 155 -0.66 1.90 3.82
N LEU A 156 -0.90 3.19 3.61
CA LEU A 156 -1.07 4.13 4.71
C LEU A 156 -2.49 4.68 4.75
N VAL A 157 -2.91 5.14 5.94
CA VAL A 157 -4.30 5.49 6.21
C VAL A 157 -4.36 6.86 6.88
N ASN A 158 -5.13 7.78 6.29
CA ASN A 158 -5.25 9.11 6.85
C ASN A 158 -6.39 9.18 7.87
N SER A 159 -6.64 10.39 8.40
CA SER A 159 -7.63 10.56 9.46
CA SER A 159 -7.62 10.55 9.46
C SER A 159 -9.03 10.20 9.02
N ASN A 160 -9.34 10.29 7.72
CA ASN A 160 -10.66 9.97 7.21
C ASN A 160 -10.76 8.55 6.67
N LEU A 161 -9.83 7.68 7.05
CA LEU A 161 -9.79 6.27 6.65
C LEU A 161 -9.55 6.08 5.17
N VAL A 162 -9.05 7.10 4.47
CA VAL A 162 -8.63 6.93 3.09
C VAL A 162 -7.30 6.19 3.06
N CYS A 163 -7.25 5.11 2.27
CA CYS A 163 -6.05 4.30 2.16
C CYS A 163 -5.25 4.70 0.92
N LYS A 164 -3.93 4.77 1.07
CA LYS A 164 -3.09 5.21 -0.03
C LYS A 164 -1.89 4.28 -0.18
N VAL A 165 -1.61 3.93 -1.43
CA VAL A 165 -0.49 3.06 -1.74
C VAL A 165 0.81 3.83 -1.61
N SER A 166 1.78 3.23 -0.94
CA SER A 166 3.09 3.84 -0.74
C SER A 166 4.20 2.87 -1.10
N ASP A 167 5.29 2.88 -0.34
CA ASP A 167 6.45 2.01 -0.57
C ASP A 167 6.92 2.11 -2.02
N PHE A 168 7.39 3.29 -2.37
CA PHE A 168 7.77 3.58 -3.73
C PHE A 168 9.27 3.51 -3.88
N ILE A 191 12.25 -11.27 -1.31
CA ILE A 191 10.92 -11.45 -1.88
C ILE A 191 9.92 -11.82 -0.78
N PRO A 192 8.89 -10.97 -0.59
CA PRO A 192 7.85 -11.27 0.41
C PRO A 192 6.96 -12.42 -0.05
N VAL A 193 7.37 -13.64 0.27
CA VAL A 193 6.85 -14.82 -0.42
C VAL A 193 5.33 -14.92 -0.31
N ARG A 194 4.79 -14.71 0.90
CA ARG A 194 3.38 -15.02 1.03
C ARG A 194 2.47 -13.95 0.43
N TRP A 195 3.04 -12.85 -0.03
CA TRP A 195 2.28 -11.79 -0.75
C TRP A 195 2.51 -11.92 -2.26
N THR A 196 3.39 -12.81 -2.66
CA THR A 196 3.83 -12.86 -4.07
C THR A 196 3.16 -13.95 -4.94
N ALA A 197 2.79 -13.59 -6.17
CA ALA A 197 2.19 -14.56 -7.11
C ALA A 197 3.15 -15.74 -7.39
N PRO A 198 2.62 -16.94 -7.64
CA PRO A 198 3.42 -18.14 -7.87
C PRO A 198 4.40 -17.97 -9.05
N GLU A 199 3.95 -17.34 -10.13
CA GLU A 199 4.80 -17.12 -11.33
C GLU A 199 5.93 -16.14 -10.97
N ALA A 200 5.62 -15.15 -10.12
CA ALA A 200 6.60 -14.16 -9.68
C ALA A 200 7.64 -14.89 -8.84
N ILE A 201 7.23 -15.83 -8.01
CA ILE A 201 8.23 -16.60 -7.22
C ILE A 201 8.99 -17.56 -8.13
N ALA A 202 8.27 -18.35 -8.90
CA ALA A 202 8.88 -19.42 -9.70
C ALA A 202 9.68 -18.90 -10.90
N TYR A 203 9.21 -17.88 -11.61
CA TYR A 203 9.82 -17.39 -12.87
C TYR A 203 10.22 -15.92 -12.84
N ARG A 204 10.08 -15.21 -11.73
CA ARG A 204 10.41 -13.77 -11.58
C ARG A 204 9.59 -12.92 -12.55
N LYS A 205 8.44 -13.42 -13.03
CA LYS A 205 7.58 -12.65 -13.93
C LYS A 205 6.71 -11.76 -13.05
N PHE A 206 7.11 -10.50 -12.89
CA PHE A 206 6.35 -9.53 -12.13
C PHE A 206 5.56 -8.66 -13.11
N THR A 207 4.25 -8.64 -12.95
CA THR A 207 3.36 -7.85 -13.82
C THR A 207 2.26 -7.25 -12.97
N SER A 208 1.38 -6.46 -13.59
CA SER A 208 0.23 -5.98 -12.84
C SER A 208 -0.63 -7.15 -12.39
N ALA A 209 -0.60 -8.29 -13.12
CA ALA A 209 -1.37 -9.46 -12.68
C ALA A 209 -0.78 -10.11 -11.43
N SER A 210 0.53 -10.00 -11.20
CA SER A 210 1.05 -10.49 -9.92
C SER A 210 0.78 -9.49 -8.80
N ASP A 211 0.66 -8.20 -9.12
CA ASP A 211 0.16 -7.25 -8.13
C ASP A 211 -1.28 -7.57 -7.76
N VAL A 212 -2.07 -8.08 -8.70
CA VAL A 212 -3.45 -8.43 -8.37
C VAL A 212 -3.50 -9.60 -7.37
N TRP A 213 -2.60 -10.58 -7.54
CA TRP A 213 -2.49 -11.62 -6.52
C TRP A 213 -2.21 -11.00 -5.16
N SER A 214 -1.18 -10.15 -5.09
CA SER A 214 -0.87 -9.44 -3.86
C SER A 214 -2.07 -8.69 -3.33
N TYR A 215 -2.84 -8.04 -4.21
CA TYR A 215 -4.02 -7.29 -3.77
C TYR A 215 -5.03 -8.23 -3.12
N GLY A 216 -5.17 -9.45 -3.63
CA GLY A 216 -6.07 -10.39 -2.98
C GLY A 216 -5.59 -10.74 -1.58
N ILE A 217 -4.27 -10.84 -1.39
CA ILE A 217 -3.77 -11.06 -0.04
C ILE A 217 -4.10 -9.86 0.85
N VAL A 218 -3.93 -8.65 0.32
CA VAL A 218 -4.32 -7.45 1.09
C VAL A 218 -5.79 -7.50 1.47
N MET A 219 -6.66 -7.92 0.55
CA MET A 219 -8.08 -8.00 0.90
C MET A 219 -8.28 -8.89 2.11
N TRP A 220 -7.53 -9.99 2.16
CA TRP A 220 -7.67 -10.95 3.25
C TRP A 220 -7.13 -10.37 4.55
N GLU A 221 -5.98 -9.70 4.50
CA GLU A 221 -5.48 -8.97 5.67
C GLU A 221 -6.49 -7.96 6.18
N VAL A 222 -7.14 -7.21 5.27
CA VAL A 222 -8.08 -6.19 5.70
C VAL A 222 -9.31 -6.84 6.33
N MET A 223 -9.89 -7.85 5.68
CA MET A 223 -11.11 -8.45 6.21
C MET A 223 -10.85 -9.26 7.47
N SER A 224 -9.60 -9.66 7.73
CA SER A 224 -9.20 -10.33 8.95
C SER A 224 -8.67 -9.38 10.01
N PHE A 225 -8.72 -8.06 9.77
CA PHE A 225 -8.20 -7.06 10.69
C PHE A 225 -6.72 -7.29 10.99
N GLY A 226 -5.97 -7.67 9.96
CA GLY A 226 -4.53 -7.71 10.10
C GLY A 226 -3.93 -9.04 10.52
N GLU A 227 -4.66 -10.14 10.33
CA GLU A 227 -4.03 -11.44 10.51
C GLU A 227 -2.89 -11.64 9.52
N ARG A 228 -1.96 -12.49 9.92
CA ARG A 228 -0.84 -12.83 9.05
C ARG A 228 -1.28 -13.83 7.99
N PRO A 229 -1.07 -13.54 6.70
CA PRO A 229 -1.40 -14.52 5.65
C PRO A 229 -0.68 -15.83 5.90
N TYR A 230 -1.43 -16.92 5.86
CA TYR A 230 -0.92 -18.28 6.05
C TYR A 230 -0.32 -18.49 7.43
N TRP A 231 -0.48 -17.53 8.35
CA TRP A 231 -0.14 -17.70 9.75
C TRP A 231 1.31 -18.14 9.95
N ASP A 232 1.52 -19.31 10.55
CA ASP A 232 2.89 -19.70 10.85
CA ASP A 232 2.84 -19.83 10.91
C ASP A 232 3.50 -20.64 9.82
N MET A 233 2.79 -20.90 8.71
CA MET A 233 3.39 -21.70 7.65
C MET A 233 4.72 -21.11 7.23
N SER A 234 5.70 -21.98 7.01
CA SER A 234 6.98 -21.57 6.44
C SER A 234 6.80 -21.10 5.01
N ASN A 235 7.78 -20.32 4.52
CA ASN A 235 7.72 -19.87 3.14
C ASN A 235 7.58 -21.04 2.18
N GLN A 236 8.36 -22.11 2.39
CA GLN A 236 8.25 -23.25 1.49
C GLN A 236 6.91 -23.96 1.64
N ASP A 237 6.39 -24.05 2.88
CA ASP A 237 5.05 -24.58 3.08
C ASP A 237 4.02 -23.83 2.24
N VAL A 238 4.10 -22.50 2.25
CA VAL A 238 3.17 -21.68 1.47
C VAL A 238 3.29 -22.01 0.00
N ILE A 239 4.51 -22.02 -0.52
CA ILE A 239 4.75 -22.32 -1.92
C ILE A 239 4.14 -23.67 -2.29
N ASN A 240 4.46 -24.71 -1.50
CA ASN A 240 3.96 -26.06 -1.78
C ASN A 240 2.45 -26.13 -1.70
N ALA A 241 1.86 -25.48 -0.68
CA ALA A 241 0.41 -25.49 -0.53
C ALA A 241 -0.27 -24.82 -1.72
N ILE A 242 0.21 -23.62 -2.09
CA ILE A 242 -0.35 -22.91 -3.25
C ILE A 242 -0.27 -23.75 -4.52
N GLU A 243 0.84 -24.46 -4.70
CA GLU A 243 0.97 -25.31 -5.88
C GLU A 243 -0.03 -26.47 -5.88
N GLN A 244 -0.44 -26.93 -4.69
CA GLN A 244 -1.47 -27.97 -4.56
C GLN A 244 -2.90 -27.40 -4.49
N ASP A 245 -3.09 -26.14 -4.91
CA ASP A 245 -4.39 -25.44 -4.97
C ASP A 245 -5.00 -25.17 -3.59
N TYR A 246 -4.17 -25.04 -2.57
CA TYR A 246 -4.64 -24.44 -1.33
C TYR A 246 -4.78 -22.93 -1.51
N ARG A 247 -5.86 -22.37 -0.97
CA ARG A 247 -6.04 -20.92 -0.89
C ARG A 247 -6.59 -20.56 0.49
N LEU A 248 -6.34 -19.34 0.93
CA LEU A 248 -6.74 -18.93 2.26
C LEU A 248 -8.28 -18.95 2.40
N PRO A 249 -8.78 -19.28 3.59
CA PRO A 249 -10.22 -19.39 3.80
C PRO A 249 -10.84 -18.02 4.00
N PRO A 250 -12.17 -17.90 3.98
CA PRO A 250 -12.78 -16.60 4.27
C PRO A 250 -12.48 -16.18 5.69
N PRO A 251 -12.06 -14.94 5.90
CA PRO A 251 -11.94 -14.45 7.28
C PRO A 251 -13.30 -14.48 7.98
N MET A 252 -13.25 -14.46 9.30
CA MET A 252 -14.48 -14.54 10.07
C MET A 252 -15.42 -13.41 9.69
N ASP A 253 -16.67 -13.77 9.39
CA ASP A 253 -17.73 -12.84 8.98
C ASP A 253 -17.43 -12.16 7.65
N CYS A 254 -16.48 -12.65 6.87
CA CYS A 254 -16.23 -12.07 5.56
C CYS A 254 -17.37 -12.42 4.62
N PRO A 255 -17.92 -11.46 3.88
CA PRO A 255 -18.95 -11.79 2.88
C PRO A 255 -18.43 -12.80 1.87
N ALA A 256 -19.30 -13.75 1.49
CA ALA A 256 -18.92 -14.74 0.49
C ALA A 256 -18.47 -14.07 -0.79
N ALA A 257 -19.15 -13.00 -1.22
CA ALA A 257 -18.78 -12.34 -2.47
C ALA A 257 -17.39 -11.73 -2.42
N LEU A 258 -16.96 -11.23 -1.24
CA LEU A 258 -15.62 -10.68 -1.13
C LEU A 258 -14.56 -11.78 -1.15
N HIS A 259 -14.82 -12.89 -0.46
CA HIS A 259 -13.88 -14.01 -0.52
C HIS A 259 -13.80 -14.60 -1.92
N GLN A 260 -14.91 -14.61 -2.66
CA GLN A 260 -14.82 -15.08 -4.04
C GLN A 260 -13.92 -14.17 -4.88
N LEU A 261 -14.00 -12.85 -4.66
CA LEU A 261 -13.12 -11.95 -5.38
C LEU A 261 -11.65 -12.19 -5.00
N MET A 262 -11.37 -12.49 -3.72
CA MET A 262 -10.02 -12.92 -3.35
C MET A 262 -9.59 -14.14 -4.18
N LEU A 263 -10.46 -15.15 -4.26
CA LEU A 263 -10.09 -16.36 -5.01
C LEU A 263 -9.86 -16.07 -6.49
N ASP A 264 -10.65 -15.14 -7.06
CA ASP A 264 -10.41 -14.71 -8.43
C ASP A 264 -9.02 -14.09 -8.58
N CYS A 265 -8.62 -13.27 -7.59
CA CYS A 265 -7.29 -12.69 -7.61
C CYS A 265 -6.21 -13.77 -7.51
N TRP A 266 -6.53 -14.93 -6.95
CA TRP A 266 -5.54 -15.97 -6.71
C TRP A 266 -5.62 -17.10 -7.73
N GLN A 267 -6.18 -16.86 -8.89
CA GLN A 267 -6.14 -17.87 -9.95
C GLN A 267 -4.69 -18.17 -10.33
N LYS A 268 -4.40 -19.45 -10.52
CA LYS A 268 -3.08 -19.89 -10.95
C LYS A 268 -2.64 -19.20 -12.24
N ASP A 269 -3.52 -19.19 -13.26
CA ASP A 269 -3.19 -18.56 -14.54
C ASP A 269 -3.37 -17.05 -14.41
N ARG A 270 -2.27 -16.32 -14.57
CA ARG A 270 -2.29 -14.88 -14.30
C ARG A 270 -3.27 -14.14 -15.21
N ASN A 271 -3.54 -14.69 -16.40
CA ASN A 271 -4.49 -14.04 -17.31
C ASN A 271 -5.94 -14.23 -16.92
N SER A 272 -6.23 -15.20 -16.06
CA SER A 272 -7.59 -15.40 -15.57
C SER A 272 -7.94 -14.48 -14.40
N ARG A 273 -6.96 -13.77 -13.83
CA ARG A 273 -7.27 -12.89 -12.72
C ARG A 273 -7.94 -11.61 -13.22
N PRO A 274 -8.81 -11.01 -12.41
CA PRO A 274 -9.38 -9.73 -12.80
C PRO A 274 -8.28 -8.68 -12.82
N ARG A 275 -8.41 -7.72 -13.74
CA ARG A 275 -7.57 -6.53 -13.70
C ARG A 275 -8.10 -5.55 -12.64
N PHE A 276 -7.26 -4.58 -12.25
CA PHE A 276 -7.68 -3.66 -11.20
C PHE A 276 -8.93 -2.87 -11.59
N ALA A 277 -9.14 -2.66 -12.90
CA ALA A 277 -10.35 -1.97 -13.32
C ALA A 277 -11.60 -2.76 -12.97
N GLU A 278 -11.56 -4.08 -13.18
CA GLU A 278 -12.70 -4.92 -12.82
C GLU A 278 -12.86 -5.05 -11.32
N ILE A 279 -11.75 -5.08 -10.57
CA ILE A 279 -11.83 -5.11 -9.11
C ILE A 279 -12.56 -3.86 -8.59
N VAL A 280 -12.17 -2.68 -9.07
CA VAL A 280 -12.84 -1.44 -8.63
C VAL A 280 -14.32 -1.52 -8.96
N ASN A 281 -14.67 -1.94 -10.18
CA ASN A 281 -16.09 -1.99 -10.54
CA ASN A 281 -16.08 -2.00 -10.57
C ASN A 281 -16.87 -3.01 -9.72
N THR A 282 -16.24 -4.14 -9.37
CA THR A 282 -16.91 -5.11 -8.51
C THR A 282 -17.13 -4.55 -7.11
N LEU A 283 -16.14 -3.84 -6.56
CA LEU A 283 -16.29 -3.30 -5.22
C LEU A 283 -17.31 -2.18 -5.18
N ASP A 284 -17.30 -1.32 -6.21
CA ASP A 284 -18.34 -0.30 -6.35
C ASP A 284 -19.73 -0.94 -6.35
N LYS A 285 -19.90 -2.00 -7.15
CA LYS A 285 -21.21 -2.63 -7.22
C LYS A 285 -21.62 -3.24 -5.89
N MET A 286 -20.66 -3.77 -5.12
CA MET A 286 -20.98 -4.23 -3.78
C MET A 286 -21.37 -3.08 -2.87
N ILE A 287 -20.64 -1.97 -2.96
CA ILE A 287 -20.99 -0.79 -2.15
C ILE A 287 -22.36 -0.27 -2.56
N ARG A 288 -22.62 -0.19 -3.86
CA ARG A 288 -23.91 0.31 -4.36
C ARG A 288 -25.05 -0.69 -4.11
N ASN A 289 -24.74 -1.97 -3.90
CA ASN A 289 -25.74 -3.01 -3.66
C ASN A 289 -25.40 -3.78 -2.39
N PRO A 290 -25.51 -3.17 -1.22
CA PRO A 290 -25.00 -3.81 0.00
C PRO A 290 -25.66 -5.12 0.35
N ALA A 291 -26.83 -5.43 -0.23
CA ALA A 291 -27.40 -6.76 -0.04
C ALA A 291 -26.44 -7.84 -0.49
N SER A 292 -25.58 -7.52 -1.47
CA SER A 292 -24.56 -8.44 -1.96
C SER A 292 -23.59 -8.89 -0.88
N LEU A 293 -23.57 -8.22 0.28
CA LEU A 293 -22.58 -8.51 1.31
C LEU A 293 -23.02 -9.58 2.30
N LYS A 294 -24.03 -10.36 1.96
CA LYS A 294 -24.35 -11.57 2.72
C LYS A 294 -25.21 -12.49 1.85
#